data_7UIQ
#
_entry.id   7UIQ
#
_cell.length_a   43.433
_cell.length_b   137.416
_cell.length_c   156.473
_cell.angle_alpha   90.000
_cell.angle_beta   90.000
_cell.angle_gamma   90.000
#
_symmetry.space_group_name_H-M   'P 21 21 21'
#
loop_
_entity.id
_entity.type
_entity.pdbx_description
1 polymer 'Calcium/calmodulin-dependent protein kinase type II subunit alpha'
2 polymer 'T-lymphoma invasion and metastasis-inducing protein 1'
#
loop_
_entity_poly.entity_id
_entity_poly.type
_entity_poly.pdbx_seq_one_letter_code
_entity_poly.pdbx_strand_id
1 'polypeptide(L)'
;TRFTEEYQLFEELGKGAFSVVRRCVKVLAGQEYAAKIINTKKLSARDHQKLEREARICRLLKHPNIVRLHDSISEEGHHY
LIFDLVTGGELFEDIVAREYYSEADASHCIQQILEAVLHCHQMGVVHRNLKPENLLLASKLKGAAVKLADFGLAIEVEGE
QQAWFGFAGTPGYLSPEVLRKDPYGKPVDLWACGVILYILLVGYPPFWDEDQHRLYKQIKAGAYDFPSPEWDTVTPEAKD
LINKMLTINPSKRITAAEALKHPWISHR
;
A,B
2 'polypeptide(L)' RTLDSHASRMTQLKKQAAL C,D
#
# COMPACT_ATOMS: atom_id res chain seq x y z
N THR A 1 -14.21 -40.10 33.54
CA THR A 1 -12.75 -39.81 33.62
C THR A 1 -12.53 -38.58 34.51
N ARG A 2 -11.29 -38.07 34.50
CA ARG A 2 -10.66 -37.31 35.61
C ARG A 2 -11.04 -35.83 35.54
N PHE A 3 -11.46 -35.31 34.36
CA PHE A 3 -11.74 -33.87 34.17
C PHE A 3 -13.10 -33.53 34.77
N THR A 4 -14.13 -34.28 34.37
CA THR A 4 -15.53 -34.02 34.78
C THR A 4 -15.64 -34.24 36.29
N GLU A 5 -14.76 -35.07 36.88
CA GLU A 5 -14.53 -35.27 38.35
C GLU A 5 -14.03 -33.98 39.01
N GLU A 6 -12.99 -33.35 38.48
CA GLU A 6 -12.16 -32.36 39.21
C GLU A 6 -12.43 -30.90 38.84
N TYR A 7 -12.86 -30.58 37.63
CA TYR A 7 -13.10 -29.19 37.17
C TYR A 7 -14.61 -29.02 37.01
N GLN A 8 -15.07 -27.82 36.68
CA GLN A 8 -16.50 -27.49 36.44
C GLN A 8 -16.64 -26.26 35.50
N LEU A 9 -17.22 -26.42 34.30
CA LEU A 9 -17.21 -25.40 33.22
C LEU A 9 -18.06 -24.18 33.63
N PHE A 10 -17.86 -23.04 32.95
CA PHE A 10 -18.70 -21.82 32.93
C PHE A 10 -18.65 -21.20 31.51
N GLU A 11 -18.58 -19.87 31.36
CA GLU A 11 -18.85 -19.15 30.09
C GLU A 11 -17.81 -19.49 29.01
N GLU A 12 -18.26 -19.58 27.75
CA GLU A 12 -17.43 -19.61 26.50
C GLU A 12 -16.58 -18.35 26.56
N LEU A 13 -15.29 -18.48 26.27
CA LEU A 13 -14.38 -17.32 26.09
C LEU A 13 -14.05 -17.16 24.60
N GLY A 14 -13.83 -18.28 23.88
CA GLY A 14 -13.40 -18.30 22.47
C GLY A 14 -13.96 -19.48 21.69
N LYS A 15 -14.07 -19.32 20.37
CA LYS A 15 -14.20 -20.38 19.35
C LYS A 15 -12.93 -20.31 18.49
N GLY A 16 -12.81 -21.20 17.49
CA GLY A 16 -11.68 -21.21 16.55
C GLY A 16 -10.99 -22.57 16.50
N ALA A 17 -10.66 -23.05 15.29
CA ALA A 17 -10.41 -24.48 14.96
C ALA A 17 -11.65 -25.28 15.40
N PHE A 18 -11.50 -26.56 15.79
CA PHE A 18 -12.56 -27.36 16.46
C PHE A 18 -12.55 -27.03 17.97
N SER A 19 -11.81 -26.00 18.37
CA SER A 19 -11.42 -25.71 19.78
C SER A 19 -12.29 -24.61 20.37
N VAL A 20 -13.18 -24.98 21.29
CA VAL A 20 -13.92 -24.07 22.19
C VAL A 20 -13.18 -23.88 23.53
N VAL A 21 -12.90 -22.62 23.90
CA VAL A 21 -12.23 -22.20 25.17
C VAL A 21 -13.34 -21.72 26.09
N ARG A 22 -13.28 -22.12 27.35
CA ARG A 22 -14.31 -21.77 28.37
C ARG A 22 -13.65 -21.67 29.74
N ARG A 23 -14.06 -20.68 30.53
CA ARG A 23 -13.60 -20.53 31.93
C ARG A 23 -14.03 -21.77 32.70
N CYS A 24 -13.20 -22.22 33.64
CA CYS A 24 -13.47 -23.43 34.47
C CYS A 24 -12.87 -23.21 35.86
N VAL A 25 -13.09 -24.17 36.76
CA VAL A 25 -12.63 -24.11 38.18
C VAL A 25 -12.43 -25.53 38.68
N LYS A 26 -11.28 -25.77 39.31
CA LYS A 26 -10.97 -27.01 40.05
C LYS A 26 -11.76 -26.95 41.36
N VAL A 27 -12.71 -27.87 41.57
CA VAL A 27 -13.77 -27.80 42.63
C VAL A 27 -13.17 -28.05 44.02
N LEU A 28 -11.99 -28.69 44.09
CA LEU A 28 -11.22 -28.88 45.34
C LEU A 28 -10.56 -27.56 45.71
N ALA A 29 -9.75 -27.03 44.81
CA ALA A 29 -8.88 -25.85 45.03
C ALA A 29 -9.69 -24.55 45.09
N GLY A 30 -10.73 -24.41 44.27
CA GLY A 30 -11.49 -23.16 44.04
C GLY A 30 -10.85 -22.28 42.99
N GLN A 31 -9.71 -22.72 42.44
CA GLN A 31 -8.87 -21.97 41.48
C GLN A 31 -9.44 -22.03 40.07
N GLU A 32 -9.58 -20.84 39.45
CA GLU A 32 -10.08 -20.60 38.06
C GLU A 32 -8.96 -20.88 37.04
N TYR A 33 -9.31 -21.50 35.92
CA TYR A 33 -8.39 -21.77 34.79
C TYR A 33 -9.11 -21.48 33.47
N ALA A 34 -8.36 -21.48 32.37
CA ALA A 34 -8.91 -21.48 31.00
C ALA A 34 -8.76 -22.90 30.43
N ALA A 35 -9.89 -23.50 30.01
CA ALA A 35 -9.98 -24.87 29.45
C ALA A 35 -10.24 -24.79 27.95
N LYS A 36 -9.29 -25.28 27.15
CA LYS A 36 -9.42 -25.48 25.69
C LYS A 36 -10.06 -26.85 25.48
N ILE A 37 -11.36 -26.87 25.15
CA ILE A 37 -12.17 -28.10 24.87
C ILE A 37 -12.13 -28.39 23.36
N ILE A 38 -11.62 -29.56 22.99
CA ILE A 38 -11.47 -29.95 21.56
C ILE A 38 -12.44 -31.09 21.28
N ASN A 39 -13.29 -30.94 20.28
CA ASN A 39 -14.14 -32.06 19.79
C ASN A 39 -13.24 -33.04 19.05
N THR A 40 -13.36 -34.32 19.37
CA THR A 40 -12.35 -35.38 19.17
C THR A 40 -12.93 -36.47 18.27
N LYS A 41 -14.27 -36.63 18.28
CA LYS A 41 -15.05 -37.46 17.33
C LYS A 41 -15.03 -36.75 15.96
N LYS A 42 -14.58 -35.49 15.95
CA LYS A 42 -14.41 -34.68 14.71
C LYS A 42 -12.96 -34.76 14.22
N LEU A 43 -12.09 -35.52 14.91
CA LEU A 43 -10.60 -35.49 14.73
C LEU A 43 -9.95 -36.88 14.59
N SER A 44 -9.24 -37.01 13.46
CA SER A 44 -8.41 -38.14 12.97
C SER A 44 -7.41 -38.63 14.03
N ALA A 45 -6.59 -39.61 13.62
CA ALA A 45 -5.56 -40.31 14.42
C ALA A 45 -4.36 -39.39 14.64
N ARG A 46 -3.77 -38.88 13.55
CA ARG A 46 -2.54 -38.06 13.62
C ARG A 46 -2.86 -36.70 14.29
N ASP A 47 -4.12 -36.28 14.27
CA ASP A 47 -4.54 -34.93 14.76
C ASP A 47 -4.94 -35.06 16.24
N HIS A 48 -5.10 -36.28 16.75
CA HIS A 48 -4.96 -36.58 18.20
C HIS A 48 -3.49 -36.52 18.59
N GLN A 49 -2.59 -36.81 17.67
CA GLN A 49 -1.13 -36.84 17.94
C GLN A 49 -0.62 -35.39 17.87
N LYS A 50 -1.00 -34.60 16.84
CA LYS A 50 -0.57 -33.18 16.63
C LYS A 50 -0.86 -32.36 17.90
N LEU A 51 -2.02 -32.61 18.49
CA LEU A 51 -2.56 -32.02 19.74
C LEU A 51 -1.74 -32.47 20.97
N GLU A 52 -1.25 -33.70 21.00
CA GLU A 52 -0.41 -34.22 22.12
C GLU A 52 1.05 -33.71 21.93
N ARG A 53 1.48 -33.37 20.72
CA ARG A 53 2.74 -32.59 20.48
C ARG A 53 2.57 -31.27 21.23
N GLU A 54 1.39 -30.66 21.12
CA GLU A 54 1.11 -29.30 21.63
C GLU A 54 1.18 -29.34 23.15
N ALA A 55 0.55 -30.30 23.79
CA ALA A 55 0.58 -30.41 25.28
C ALA A 55 2.04 -30.53 25.72
N ARG A 56 2.76 -31.51 25.13
CA ARG A 56 4.14 -31.91 25.50
C ARG A 56 5.03 -30.67 25.53
N ILE A 57 4.78 -29.70 24.66
CA ILE A 57 5.57 -28.44 24.51
C ILE A 57 5.13 -27.41 25.57
N CYS A 58 3.84 -27.15 25.70
CA CYS A 58 3.32 -26.25 26.75
C CYS A 58 3.89 -26.66 28.11
N ARG A 59 4.13 -27.96 28.32
CA ARG A 59 4.61 -28.56 29.62
C ARG A 59 6.09 -28.24 29.84
N LEU A 60 6.85 -28.05 28.76
CA LEU A 60 8.31 -27.78 28.82
C LEU A 60 8.57 -26.32 29.25
N LEU A 61 7.50 -25.51 29.35
CA LEU A 61 7.58 -24.03 29.36
C LEU A 61 6.92 -23.52 30.62
N LYS A 62 7.75 -23.24 31.62
CA LYS A 62 7.35 -22.48 32.82
C LYS A 62 7.95 -21.09 32.69
N HIS A 63 7.12 -20.07 32.43
CA HIS A 63 7.55 -18.64 32.31
C HIS A 63 6.45 -17.67 32.69
N PRO A 64 6.79 -16.52 33.33
CA PRO A 64 5.82 -15.46 33.58
C PRO A 64 5.18 -14.90 32.30
N ASN A 65 5.89 -14.91 31.17
CA ASN A 65 5.39 -14.42 29.85
C ASN A 65 5.17 -15.60 28.88
N ILE A 66 4.72 -16.76 29.40
CA ILE A 66 4.17 -17.88 28.59
C ILE A 66 2.96 -18.51 29.30
N VAL A 67 1.83 -18.59 28.59
CA VAL A 67 0.58 -19.14 29.15
C VAL A 67 0.91 -20.53 29.63
N ARG A 68 0.90 -20.75 30.94
CA ARG A 68 1.26 -22.08 31.50
C ARG A 68 0.13 -23.07 31.22
N LEU A 69 0.47 -24.26 30.73
CA LEU A 69 -0.45 -25.42 30.69
C LEU A 69 -0.34 -26.16 32.00
N HIS A 70 -1.47 -26.40 32.66
CA HIS A 70 -1.56 -26.92 34.06
C HIS A 70 -1.89 -28.42 34.10
N ASP A 71 -2.31 -29.01 33.00
CA ASP A 71 -2.80 -30.41 32.99
C ASP A 71 -3.57 -30.69 31.67
N SER A 72 -3.23 -31.75 30.91
CA SER A 72 -3.94 -32.20 29.66
C SER A 72 -4.72 -33.46 30.02
N ILE A 73 -5.93 -33.64 29.48
CA ILE A 73 -6.80 -34.82 29.82
C ILE A 73 -7.57 -35.33 28.59
N SER A 74 -7.30 -36.58 28.16
CA SER A 74 -8.09 -37.32 27.14
C SER A 74 -9.24 -38.06 27.85
N GLU A 75 -10.43 -37.48 27.80
CA GLU A 75 -11.70 -38.20 28.04
C GLU A 75 -12.17 -38.71 26.68
N GLU A 76 -13.11 -39.66 26.66
CA GLU A 76 -13.67 -40.23 25.40
C GLU A 76 -14.68 -39.20 24.88
N GLY A 77 -14.30 -38.48 23.82
CA GLY A 77 -15.19 -37.54 23.10
C GLY A 77 -14.62 -36.14 23.05
N HIS A 78 -13.69 -35.80 23.94
CA HIS A 78 -13.18 -34.42 24.13
C HIS A 78 -11.79 -34.45 24.76
N HIS A 79 -10.90 -33.50 24.42
CA HIS A 79 -9.63 -33.25 25.16
C HIS A 79 -9.72 -31.86 25.79
N TYR A 80 -9.12 -31.74 26.98
CA TYR A 80 -9.06 -30.50 27.80
C TYR A 80 -7.59 -30.22 28.11
N LEU A 81 -7.09 -29.15 27.51
CA LEU A 81 -5.86 -28.45 27.93
C LEU A 81 -6.30 -27.33 28.89
N ILE A 82 -5.62 -27.25 30.02
CA ILE A 82 -6.05 -26.39 31.16
C ILE A 82 -4.95 -25.36 31.40
N PHE A 83 -5.25 -24.12 30.98
CA PHE A 83 -4.29 -22.98 30.90
C PHE A 83 -4.51 -22.03 32.07
N ASP A 84 -3.52 -21.18 32.32
CA ASP A 84 -3.71 -19.93 33.11
C ASP A 84 -4.90 -19.15 32.51
N LEU A 85 -5.87 -18.76 33.32
CA LEU A 85 -6.91 -17.80 32.90
C LEU A 85 -6.24 -16.44 32.62
N VAL A 86 -6.53 -15.80 31.49
CA VAL A 86 -5.93 -14.47 31.10
C VAL A 86 -6.99 -13.61 30.41
N THR A 87 -7.51 -12.58 31.08
CA THR A 87 -8.78 -11.91 30.70
C THR A 87 -8.54 -10.68 29.81
N GLY A 88 -7.29 -10.25 29.63
CA GLY A 88 -6.98 -8.95 29.00
C GLY A 88 -7.28 -8.90 27.49
N GLY A 89 -7.79 -9.99 26.90
CA GLY A 89 -7.99 -10.09 25.44
C GLY A 89 -6.68 -10.05 24.70
N GLU A 90 -6.72 -10.20 23.38
CA GLU A 90 -5.53 -10.19 22.47
C GLU A 90 -4.87 -8.80 22.45
N LEU A 91 -3.54 -8.81 22.30
CA LEU A 91 -2.74 -7.57 22.13
C LEU A 91 -3.25 -6.89 20.86
N PHE A 92 -3.64 -7.72 19.89
CA PHE A 92 -4.16 -7.26 18.58
C PHE A 92 -5.22 -6.19 18.82
N GLU A 93 -6.27 -6.56 19.55
CA GLU A 93 -7.45 -5.71 19.86
C GLU A 93 -7.01 -4.47 20.65
N ASP A 94 -6.04 -4.62 21.56
CA ASP A 94 -5.57 -3.51 22.42
C ASP A 94 -4.85 -2.50 21.53
N ILE A 95 -4.14 -2.96 20.50
CA ILE A 95 -3.43 -2.04 19.55
C ILE A 95 -4.51 -1.28 18.80
N VAL A 96 -5.40 -2.00 18.12
CA VAL A 96 -6.59 -1.43 17.43
C VAL A 96 -7.26 -0.40 18.36
N ALA A 97 -7.67 -0.79 19.56
CA ALA A 97 -8.36 0.11 20.52
C ALA A 97 -7.59 1.42 20.65
N ARG A 98 -6.27 1.30 20.89
CA ARG A 98 -5.38 2.44 21.28
C ARG A 98 -4.70 3.02 20.04
N GLU A 99 -4.96 2.47 18.86
CA GLU A 99 -4.35 2.87 17.57
C GLU A 99 -2.87 2.47 17.54
N TYR A 100 -2.05 3.00 18.45
CA TYR A 100 -0.63 2.62 18.62
C TYR A 100 -0.25 2.71 20.10
N TYR A 101 0.95 2.21 20.43
CA TYR A 101 1.58 2.34 21.77
C TYR A 101 2.61 3.46 21.74
N SER A 102 2.82 4.06 22.90
CA SER A 102 4.01 4.87 23.24
C SER A 102 5.23 3.96 23.18
N GLU A 103 6.38 4.53 22.87
CA GLU A 103 7.69 3.84 22.90
C GLU A 103 7.86 3.19 24.28
N ALA A 104 7.53 3.91 25.35
CA ALA A 104 7.59 3.44 26.75
C ALA A 104 6.86 2.12 26.87
N ASP A 105 5.65 2.06 26.30
CA ASP A 105 4.72 0.89 26.38
C ASP A 105 5.21 -0.22 25.45
N ALA A 106 5.32 0.06 24.15
CA ALA A 106 5.93 -0.88 23.18
C ALA A 106 7.17 -1.54 23.78
N SER A 107 8.10 -0.73 24.30
CA SER A 107 9.36 -1.23 24.92
C SER A 107 9.03 -2.23 26.02
N HIS A 108 8.10 -1.91 26.93
CA HIS A 108 7.70 -2.78 28.09
C HIS A 108 6.98 -4.06 27.61
N CYS A 109 6.26 -4.00 26.48
CA CYS A 109 5.51 -5.14 25.89
C CYS A 109 6.50 -6.08 25.18
N ILE A 110 7.22 -5.57 24.19
CA ILE A 110 8.19 -6.39 23.40
C ILE A 110 9.22 -7.04 24.34
N GLN A 111 9.66 -6.35 25.39
CA GLN A 111 10.58 -6.84 26.48
C GLN A 111 10.08 -8.19 26.98
N GLN A 112 8.82 -8.21 27.44
CA GLN A 112 8.17 -9.43 27.96
C GLN A 112 8.09 -10.45 26.83
N ILE A 113 7.71 -10.01 25.61
CA ILE A 113 7.60 -10.93 24.44
C ILE A 113 8.97 -11.59 24.21
N LEU A 114 10.04 -10.80 24.07
CA LEU A 114 11.44 -11.28 23.80
C LEU A 114 11.92 -12.25 24.89
N GLU A 115 11.65 -11.94 26.17
CA GLU A 115 12.00 -12.79 27.35
C GLU A 115 11.39 -14.17 27.17
N ALA A 116 10.11 -14.20 26.81
CA ALA A 116 9.36 -15.46 26.55
C ALA A 116 10.06 -16.20 25.42
N VAL A 117 10.27 -15.52 24.28
CA VAL A 117 10.93 -16.06 23.06
C VAL A 117 12.28 -16.66 23.43
N LEU A 118 13.07 -15.93 24.23
CA LEU A 118 14.40 -16.37 24.74
C LEU A 118 14.23 -17.72 25.41
N HIS A 119 13.27 -17.81 26.33
CA HIS A 119 12.97 -19.03 27.12
C HIS A 119 12.56 -20.15 26.18
N CYS A 120 11.55 -19.91 25.33
CA CYS A 120 11.11 -20.84 24.26
C CYS A 120 12.32 -21.46 23.56
N HIS A 121 13.31 -20.64 23.19
CA HIS A 121 14.48 -21.04 22.35
C HIS A 121 15.48 -21.85 23.15
N GLN A 122 15.77 -21.46 24.39
CA GLN A 122 16.68 -22.24 25.26
C GLN A 122 16.12 -23.64 25.54
N MET A 123 14.80 -23.80 25.46
CA MET A 123 14.07 -25.06 25.69
C MET A 123 13.92 -25.78 24.35
N GLY A 124 14.61 -25.26 23.33
CA GLY A 124 14.61 -25.82 21.98
C GLY A 124 13.23 -25.81 21.35
N VAL A 125 12.42 -24.76 21.61
CA VAL A 125 11.07 -24.60 21.02
C VAL A 125 11.09 -23.33 20.17
N VAL A 126 10.68 -23.44 18.89
CA VAL A 126 10.49 -22.27 17.97
C VAL A 126 8.99 -22.10 17.66
N HIS A 127 8.41 -20.93 17.99
CA HIS A 127 6.94 -20.72 17.98
C HIS A 127 6.46 -20.87 16.55
N ARG A 128 7.04 -20.07 15.64
CA ARG A 128 6.80 -20.03 14.18
C ARG A 128 5.53 -19.25 13.82
N ASN A 129 4.61 -19.01 14.75
CA ASN A 129 3.32 -18.30 14.47
C ASN A 129 3.13 -17.19 15.51
N LEU A 130 4.16 -16.39 15.77
CA LEU A 130 4.01 -15.16 16.57
C LEU A 130 3.22 -14.11 15.76
N LYS A 131 2.36 -13.37 16.46
CA LYS A 131 1.47 -12.26 15.99
C LYS A 131 0.61 -11.76 17.16
N PRO A 132 0.18 -10.49 17.15
CA PRO A 132 -0.55 -9.93 18.29
C PRO A 132 -1.80 -10.72 18.71
N GLU A 133 -2.34 -11.58 17.85
CA GLU A 133 -3.50 -12.46 18.12
C GLU A 133 -3.09 -13.62 19.04
N ASN A 134 -1.84 -14.07 18.94
CA ASN A 134 -1.28 -15.16 19.76
C ASN A 134 -0.62 -14.57 21.00
N LEU A 135 -0.87 -13.31 21.30
CA LEU A 135 -0.34 -12.66 22.52
C LEU A 135 -1.50 -12.18 23.39
N LEU A 136 -1.70 -12.79 24.56
CA LEU A 136 -2.78 -12.43 25.53
C LEU A 136 -2.23 -11.46 26.59
N LEU A 137 -3.03 -10.42 26.90
CA LEU A 137 -2.76 -9.40 27.94
C LEU A 137 -3.38 -9.83 29.25
N ALA A 138 -2.69 -9.59 30.37
CA ALA A 138 -3.10 -10.02 31.73
C ALA A 138 -4.42 -9.32 32.07
N SER A 139 -4.39 -8.00 32.06
CA SER A 139 -5.56 -7.10 32.20
C SER A 139 -5.44 -6.02 31.11
N LYS A 140 -6.41 -5.12 30.97
CA LYS A 140 -6.38 -4.08 29.90
C LYS A 140 -5.54 -2.86 30.33
N LEU A 141 -5.09 -2.82 31.59
CA LEU A 141 -4.40 -1.67 32.22
C LEU A 141 -3.18 -1.31 31.35
N LYS A 142 -2.80 -0.02 31.28
CA LYS A 142 -1.92 0.54 30.21
C LYS A 142 -0.48 0.01 30.32
N GLY A 143 -0.19 -1.05 31.07
CA GLY A 143 1.15 -1.66 31.06
C GLY A 143 1.19 -3.18 31.33
N ALA A 144 0.06 -3.85 31.65
CA ALA A 144 0.06 -5.14 32.39
C ALA A 144 0.75 -6.22 31.53
N ALA A 145 0.94 -7.40 32.13
CA ALA A 145 1.77 -8.52 31.63
C ALA A 145 1.25 -8.97 30.26
N VAL A 146 2.11 -9.69 29.53
CA VAL A 146 1.85 -10.27 28.19
C VAL A 146 2.40 -11.70 28.15
N LYS A 147 1.59 -12.64 27.71
CA LYS A 147 1.96 -14.07 27.66
C LYS A 147 1.65 -14.63 26.27
N LEU A 148 2.59 -15.47 25.77
CA LEU A 148 2.52 -16.32 24.54
C LEU A 148 1.46 -17.42 24.64
N ALA A 149 0.76 -17.65 23.53
CA ALA A 149 -0.12 -18.82 23.36
C ALA A 149 0.00 -19.38 21.92
N ASP A 150 -0.78 -20.44 21.66
CA ASP A 150 -0.91 -21.24 20.40
C ASP A 150 0.47 -21.77 19.98
N PHE A 151 1.01 -22.71 20.75
CA PHE A 151 2.19 -23.51 20.34
C PHE A 151 1.70 -24.63 19.42
N GLY A 152 0.46 -24.55 18.92
CA GLY A 152 -0.16 -25.45 17.93
C GLY A 152 0.66 -25.54 16.65
N LEU A 153 1.60 -24.63 16.44
CA LEU A 153 2.50 -24.60 15.24
C LEU A 153 3.96 -24.81 15.66
N ALA A 154 4.21 -25.03 16.95
CA ALA A 154 5.55 -24.94 17.58
C ALA A 154 6.37 -26.21 17.30
N ILE A 155 7.63 -26.02 16.89
CA ILE A 155 8.58 -27.12 16.52
C ILE A 155 9.69 -27.24 17.60
N GLU A 156 10.30 -28.42 17.70
CA GLU A 156 11.48 -28.74 18.55
C GLU A 156 12.68 -28.64 17.63
N VAL A 157 13.71 -27.89 18.01
CA VAL A 157 15.02 -27.83 17.29
C VAL A 157 16.11 -28.44 18.19
N GLU A 158 17.03 -29.19 17.60
CA GLU A 158 18.23 -29.69 18.32
C GLU A 158 19.38 -28.69 18.09
N GLY A 159 19.75 -27.93 19.13
CA GLY A 159 20.85 -26.93 19.12
C GLY A 159 20.53 -25.77 18.19
N GLU A 160 21.55 -25.09 17.64
CA GLU A 160 21.36 -24.05 16.57
C GLU A 160 21.30 -24.72 15.19
N GLN A 161 20.93 -26.01 15.14
CA GLN A 161 20.74 -26.78 13.89
C GLN A 161 19.48 -26.24 13.17
N GLN A 162 19.67 -25.72 11.95
CA GLN A 162 18.59 -25.28 10.99
C GLN A 162 18.11 -26.48 10.16
N ALA A 163 16.92 -26.41 9.58
CA ALA A 163 16.33 -27.48 8.75
C ALA A 163 15.02 -27.00 8.14
N TRP A 164 14.58 -27.62 7.06
CA TRP A 164 13.21 -27.41 6.54
C TRP A 164 12.22 -28.14 7.45
N PHE A 165 11.55 -27.39 8.34
CA PHE A 165 10.43 -27.89 9.18
C PHE A 165 9.12 -27.55 8.46
N GLY A 166 9.21 -27.33 7.16
CA GLY A 166 8.03 -27.06 6.33
C GLY A 166 7.64 -25.59 6.33
N PHE A 167 6.56 -25.26 5.64
CA PHE A 167 6.03 -23.90 5.37
C PHE A 167 4.74 -23.76 6.18
N ALA A 168 4.75 -22.99 7.25
CA ALA A 168 3.55 -22.78 8.09
C ALA A 168 3.68 -21.45 8.86
N GLY A 169 2.55 -20.95 9.36
CA GLY A 169 2.49 -19.71 10.15
C GLY A 169 1.51 -18.78 9.51
N THR A 170 1.59 -17.49 9.85
CA THR A 170 0.72 -16.41 9.30
C THR A 170 1.49 -15.65 8.23
N PRO A 171 0.85 -15.34 7.06
CA PRO A 171 1.53 -14.68 5.94
C PRO A 171 2.34 -13.41 6.32
N GLY A 172 1.73 -12.43 7.02
CA GLY A 172 2.37 -11.13 7.33
C GLY A 172 3.66 -11.26 8.14
N TYR A 173 3.74 -12.35 8.90
CA TYR A 173 4.72 -12.59 9.98
C TYR A 173 5.83 -13.55 9.54
N LEU A 174 5.62 -14.22 8.40
CA LEU A 174 6.56 -15.18 7.75
C LEU A 174 7.94 -14.51 7.56
N SER A 175 8.99 -15.31 7.74
CA SER A 175 10.41 -14.92 7.53
C SER A 175 10.77 -15.11 6.07
N PRO A 176 11.72 -14.32 5.53
CA PRO A 176 12.24 -14.57 4.19
C PRO A 176 12.69 -16.02 3.96
N GLU A 177 13.44 -16.58 4.90
CA GLU A 177 13.94 -17.97 4.78
C GLU A 177 12.75 -18.93 4.55
N VAL A 178 11.63 -18.75 5.26
CA VAL A 178 10.49 -19.70 5.22
C VAL A 178 9.83 -19.60 3.83
N LEU A 179 9.73 -18.39 3.28
CA LEU A 179 9.06 -18.14 1.97
C LEU A 179 9.89 -18.74 0.84
N ARG A 180 11.23 -18.60 0.92
CA ARG A 180 12.21 -19.19 -0.03
C ARG A 180 12.27 -20.73 0.03
N LYS A 181 11.77 -21.36 1.10
CA LYS A 181 11.77 -22.84 1.32
C LYS A 181 13.21 -23.26 1.55
N ASP A 182 14.04 -22.31 2.01
CA ASP A 182 15.39 -22.53 2.61
C ASP A 182 15.24 -23.19 3.97
N PRO A 183 16.30 -23.83 4.52
CA PRO A 183 16.28 -24.32 5.89
C PRO A 183 16.22 -23.13 6.85
N TYR A 184 15.70 -23.32 8.07
CA TYR A 184 15.50 -22.24 9.08
C TYR A 184 15.54 -22.80 10.50
N GLY A 185 15.59 -21.89 11.49
CA GLY A 185 15.66 -22.23 12.92
C GLY A 185 15.12 -21.13 13.79
N LYS A 186 15.78 -20.84 14.90
CA LYS A 186 15.21 -19.94 15.95
C LYS A 186 14.93 -18.56 15.35
N PRO A 187 15.75 -18.01 14.43
CA PRO A 187 15.60 -16.60 14.06
C PRO A 187 14.25 -16.27 13.41
N VAL A 188 13.48 -17.26 13.00
CA VAL A 188 12.26 -16.96 12.23
C VAL A 188 11.30 -16.20 13.13
N ASP A 189 11.42 -16.40 14.46
CA ASP A 189 10.57 -15.75 15.49
C ASP A 189 11.05 -14.33 15.83
N LEU A 190 12.33 -13.98 15.61
CA LEU A 190 12.83 -12.58 15.78
C LEU A 190 12.35 -11.75 14.59
N TRP A 191 12.23 -12.32 13.39
CA TRP A 191 11.55 -11.64 12.25
C TRP A 191 10.16 -11.21 12.73
N ALA A 192 9.38 -12.14 13.27
CA ALA A 192 8.00 -11.91 13.76
C ALA A 192 8.02 -10.80 14.82
N CYS A 193 9.04 -10.77 15.66
CA CYS A 193 9.16 -9.74 16.72
C CYS A 193 9.33 -8.39 16.01
N GLY A 194 10.06 -8.39 14.90
CA GLY A 194 10.22 -7.21 14.04
C GLY A 194 8.87 -6.64 13.62
N VAL A 195 8.10 -7.44 12.87
CA VAL A 195 6.71 -7.12 12.41
C VAL A 195 5.91 -6.58 13.60
N ILE A 196 5.87 -7.37 14.67
CA ILE A 196 5.05 -7.08 15.87
C ILE A 196 5.47 -5.73 16.46
N LEU A 197 6.77 -5.51 16.71
CA LEU A 197 7.29 -4.26 17.33
C LEU A 197 6.88 -3.04 16.49
N TYR A 198 7.06 -3.14 15.17
CA TYR A 198 6.62 -2.14 14.15
C TYR A 198 5.13 -1.84 14.36
N ILE A 199 4.29 -2.88 14.32
CA ILE A 199 2.82 -2.75 14.56
C ILE A 199 2.64 -2.01 15.88
N LEU A 200 3.21 -2.55 16.95
CA LEU A 200 3.13 -2.03 18.32
C LEU A 200 3.34 -0.51 18.32
N LEU A 201 4.16 0.04 17.42
CA LEU A 201 4.54 1.47 17.42
C LEU A 201 3.56 2.35 16.63
N VAL A 202 3.10 1.93 15.43
CA VAL A 202 2.44 2.84 14.43
C VAL A 202 1.07 2.33 13.95
N GLY A 203 0.63 1.15 14.36
CA GLY A 203 -0.77 0.72 14.21
C GLY A 203 -1.04 -0.14 12.97
N TYR A 204 0.00 -0.53 12.24
CA TYR A 204 -0.08 -1.20 10.92
C TYR A 204 1.24 -1.91 10.66
N PRO A 205 1.25 -3.01 9.89
CA PRO A 205 2.48 -3.77 9.68
C PRO A 205 3.44 -3.20 8.63
N PRO A 206 4.74 -3.56 8.71
CA PRO A 206 5.75 -3.09 7.76
C PRO A 206 5.59 -3.68 6.35
N PHE A 207 4.81 -4.74 6.21
CA PHE A 207 4.53 -5.44 4.94
C PHE A 207 3.05 -5.81 4.87
N TRP A 208 2.40 -5.45 3.77
CA TRP A 208 0.99 -5.80 3.48
C TRP A 208 0.68 -5.70 1.99
N ASP A 209 -0.27 -6.49 1.52
CA ASP A 209 -0.84 -6.37 0.17
C ASP A 209 -2.01 -7.34 0.14
N GLU A 210 -3.16 -6.92 -0.39
CA GLU A 210 -4.39 -7.73 -0.47
C GLU A 210 -4.11 -8.93 -1.35
N ASP A 211 -3.32 -8.78 -2.42
CA ASP A 211 -2.77 -9.91 -3.22
C ASP A 211 -1.59 -10.54 -2.45
N GLN A 212 -1.78 -11.79 -2.03
CA GLN A 212 -0.83 -12.56 -1.21
C GLN A 212 0.52 -12.63 -1.91
N HIS A 213 0.55 -12.78 -3.23
CA HIS A 213 1.85 -12.97 -3.94
C HIS A 213 2.71 -11.73 -3.67
N ARG A 214 2.10 -10.56 -3.82
CA ARG A 214 2.81 -9.26 -3.70
C ARG A 214 3.36 -9.14 -2.28
N LEU A 215 2.56 -9.58 -1.30
CA LEU A 215 2.94 -9.62 0.13
C LEU A 215 4.25 -10.38 0.27
N TYR A 216 4.28 -11.66 -0.17
CA TYR A 216 5.44 -12.60 -0.04
C TYR A 216 6.65 -12.00 -0.77
N LYS A 217 6.41 -11.21 -1.82
CA LYS A 217 7.50 -10.51 -2.57
C LYS A 217 8.09 -9.41 -1.70
N GLN A 218 7.24 -8.59 -1.06
CA GLN A 218 7.63 -7.51 -0.08
C GLN A 218 8.54 -8.10 1.01
N ILE A 219 8.07 -9.16 1.69
CA ILE A 219 8.83 -9.86 2.77
C ILE A 219 10.21 -10.24 2.21
N LYS A 220 10.28 -11.11 1.19
CA LYS A 220 11.55 -11.65 0.63
C LYS A 220 12.56 -10.51 0.46
N ALA A 221 12.14 -9.44 -0.23
CA ALA A 221 12.92 -8.22 -0.53
C ALA A 221 13.21 -7.41 0.74
N GLY A 222 12.50 -7.67 1.83
CA GLY A 222 12.60 -6.84 3.04
C GLY A 222 12.31 -5.39 2.71
N ALA A 223 11.23 -5.17 1.96
CA ALA A 223 10.71 -3.85 1.53
C ALA A 223 9.71 -3.31 2.57
N TYR A 224 10.24 -2.78 3.68
CA TYR A 224 9.51 -1.92 4.67
C TYR A 224 10.13 -0.52 4.64
N ASP A 225 9.57 0.42 5.38
CA ASP A 225 10.25 1.71 5.67
C ASP A 225 9.49 2.42 6.80
N PHE A 226 9.90 3.65 7.10
CA PHE A 226 9.35 4.52 8.17
C PHE A 226 8.63 5.73 7.56
N PRO A 227 7.35 5.57 7.12
CA PRO A 227 6.56 6.67 6.56
C PRO A 227 6.42 7.89 7.48
N SER A 228 6.29 9.10 6.93
CA SER A 228 5.95 10.37 7.65
C SER A 228 4.44 10.59 7.59
N PRO A 229 3.83 11.34 8.56
CA PRO A 229 4.53 11.98 9.68
C PRO A 229 4.76 11.14 10.96
N GLU A 230 4.31 9.88 10.99
CA GLU A 230 4.18 9.08 12.23
C GLU A 230 5.58 8.69 12.73
N TRP A 231 6.41 8.14 11.85
CA TRP A 231 7.79 7.67 12.16
C TRP A 231 8.77 8.85 12.30
N ASP A 232 8.34 10.05 11.90
CA ASP A 232 9.13 11.30 11.98
C ASP A 232 9.60 11.54 13.42
N THR A 233 8.74 11.18 14.38
CA THR A 233 8.89 11.53 15.81
C THR A 233 9.49 10.36 16.60
N VAL A 234 9.60 9.16 16.01
CA VAL A 234 9.91 7.89 16.75
C VAL A 234 11.44 7.73 16.83
N THR A 235 11.98 7.38 18.00
CA THR A 235 13.44 7.41 18.32
C THR A 235 14.24 6.64 17.27
N PRO A 236 15.43 7.15 16.88
CA PRO A 236 16.32 6.41 15.99
C PRO A 236 16.64 5.00 16.54
N GLU A 237 16.62 4.85 17.86
CA GLU A 237 16.96 3.59 18.57
C GLU A 237 15.91 2.54 18.17
N ALA A 238 14.65 2.87 18.39
CA ALA A 238 13.49 2.01 18.06
C ALA A 238 13.65 1.51 16.62
N LYS A 239 13.65 2.41 15.65
CA LYS A 239 13.94 2.06 14.24
C LYS A 239 15.10 1.06 14.23
N ASP A 240 16.22 1.36 14.90
CA ASP A 240 17.44 0.53 14.83
C ASP A 240 17.07 -0.91 15.18
N LEU A 241 16.44 -1.10 16.32
CA LEU A 241 16.04 -2.46 16.79
C LEU A 241 15.26 -3.17 15.69
N ILE A 242 14.17 -2.55 15.24
CA ILE A 242 13.34 -3.06 14.10
C ILE A 242 14.23 -3.42 12.90
N ASN A 243 15.20 -2.58 12.54
CA ASN A 243 16.13 -2.83 11.42
C ASN A 243 16.93 -4.11 11.64
N LYS A 244 17.32 -4.41 12.89
CA LYS A 244 18.20 -5.56 13.23
C LYS A 244 17.33 -6.81 13.37
N MET A 245 16.06 -6.61 13.70
CA MET A 245 15.03 -7.67 13.74
C MET A 245 14.63 -8.05 12.31
N LEU A 246 14.36 -7.04 11.45
CA LEU A 246 13.94 -7.23 10.04
C LEU A 246 15.16 -7.25 9.09
N THR A 247 16.25 -7.88 9.51
CA THR A 247 17.42 -8.21 8.68
C THR A 247 17.07 -9.45 7.84
N ILE A 248 17.30 -9.41 6.53
CA ILE A 248 16.83 -10.46 5.59
C ILE A 248 17.59 -11.76 5.84
N ASN A 249 18.87 -11.63 6.16
CA ASN A 249 19.83 -12.76 6.30
C ASN A 249 19.72 -13.32 7.71
N PRO A 250 19.20 -14.55 7.94
CA PRO A 250 18.92 -15.02 9.32
C PRO A 250 20.14 -15.03 10.26
N SER A 251 21.31 -15.36 9.72
CA SER A 251 22.59 -15.47 10.47
C SER A 251 22.99 -14.08 10.99
N LYS A 252 22.84 -13.05 10.15
CA LYS A 252 23.21 -11.63 10.46
C LYS A 252 22.10 -10.97 11.31
N ARG A 253 20.99 -11.68 11.60
CA ARG A 253 19.83 -11.13 12.36
C ARG A 253 20.20 -11.06 13.85
N ILE A 254 19.52 -10.17 14.58
CA ILE A 254 19.60 -10.07 16.06
C ILE A 254 18.93 -11.31 16.69
N THR A 255 19.48 -11.80 17.80
CA THR A 255 18.93 -12.95 18.59
C THR A 255 18.14 -12.38 19.76
N ALA A 256 17.26 -13.18 20.35
CA ALA A 256 16.40 -12.76 21.48
C ALA A 256 17.28 -12.14 22.57
N ALA A 257 18.37 -12.82 22.92
CA ALA A 257 19.29 -12.44 24.03
C ALA A 257 19.94 -11.11 23.70
N GLU A 258 20.36 -10.94 22.45
CA GLU A 258 20.94 -9.68 21.89
C GLU A 258 19.92 -8.55 22.04
N ALA A 259 18.68 -8.79 21.58
CA ALA A 259 17.56 -7.82 21.56
C ALA A 259 17.26 -7.30 22.96
N LEU A 260 17.47 -8.11 24.00
CA LEU A 260 17.18 -7.75 25.42
C LEU A 260 18.24 -6.78 25.97
N LYS A 261 19.46 -6.79 25.41
CA LYS A 261 20.59 -5.89 25.80
C LYS A 261 20.53 -4.57 25.03
N HIS A 262 19.79 -4.51 23.92
CA HIS A 262 19.73 -3.35 23.00
C HIS A 262 19.21 -2.12 23.72
N PRO A 263 19.86 -0.95 23.59
CA PRO A 263 19.54 0.26 24.36
C PRO A 263 18.08 0.67 24.53
N TRP A 264 17.22 0.40 23.54
CA TRP A 264 15.77 0.75 23.58
C TRP A 264 15.04 -0.16 24.56
N ILE A 265 15.69 -1.21 25.10
CA ILE A 265 15.11 -2.17 26.11
C ILE A 265 15.66 -1.89 27.52
N SER A 266 16.99 -1.70 27.63
CA SER A 266 17.71 -1.38 28.90
C SER A 266 18.36 0.02 28.81
N HIS A 267 17.80 1.04 29.47
CA HIS A 267 18.25 2.46 29.38
C HIS A 267 19.19 2.79 30.54
N ARG A 268 19.19 4.06 31.00
CA ARG A 268 19.86 4.52 32.25
C ARG A 268 21.38 4.38 32.09
N ARG B 2 -24.97 37.43 -20.76
CA ARG B 2 -24.30 37.56 -22.10
C ARG B 2 -24.16 36.15 -22.70
N PHE B 3 -24.00 35.16 -21.82
CA PHE B 3 -23.99 33.73 -22.18
C PHE B 3 -25.41 33.31 -22.57
N THR B 4 -26.37 33.60 -21.69
CA THR B 4 -27.79 33.18 -21.80
C THR B 4 -28.40 33.88 -23.02
N GLU B 5 -27.89 35.07 -23.34
CA GLU B 5 -28.17 35.81 -24.59
C GLU B 5 -27.75 34.97 -25.80
N GLU B 6 -26.46 34.58 -25.88
CA GLU B 6 -25.78 34.15 -27.13
C GLU B 6 -25.77 32.62 -27.30
N TYR B 7 -25.66 31.84 -26.20
CA TYR B 7 -25.54 30.36 -26.21
C TYR B 7 -26.83 29.73 -25.68
N GLN B 8 -26.97 28.41 -25.87
CA GLN B 8 -28.20 27.62 -25.59
C GLN B 8 -27.80 26.15 -25.35
N LEU B 9 -27.99 25.63 -24.13
CA LEU B 9 -27.44 24.30 -23.70
C LEU B 9 -28.17 23.16 -24.41
N PHE B 10 -27.58 21.96 -24.31
CA PHE B 10 -28.19 20.65 -24.62
C PHE B 10 -27.61 19.63 -23.62
N GLU B 11 -27.30 18.39 -24.05
CA GLU B 11 -27.02 17.22 -23.17
C GLU B 11 -25.82 17.49 -22.27
N GLU B 12 -25.86 17.02 -21.00
CA GLU B 12 -24.69 16.85 -20.09
C GLU B 12 -23.66 15.94 -20.76
N LEU B 13 -22.37 16.26 -20.66
CA LEU B 13 -21.25 15.47 -21.27
C LEU B 13 -20.36 14.91 -20.16
N GLY B 14 -20.02 15.73 -19.16
CA GLY B 14 -19.21 15.30 -18.01
C GLY B 14 -19.77 15.85 -16.71
N LYS B 15 -19.53 15.13 -15.61
CA LYS B 15 -19.54 15.66 -14.22
C LYS B 15 -18.08 15.65 -13.76
N GLY B 16 -17.79 16.10 -12.54
CA GLY B 16 -16.43 16.15 -11.95
C GLY B 16 -16.10 17.54 -11.41
N ALA B 17 -15.51 17.62 -10.22
CA ALA B 17 -15.41 18.85 -9.39
C ALA B 17 -16.82 19.42 -9.19
N PHE B 18 -16.98 20.76 -9.11
CA PHE B 18 -18.31 21.44 -9.13
C PHE B 18 -18.73 21.71 -10.59
N SER B 19 -17.96 21.17 -11.57
CA SER B 19 -17.95 21.57 -13.00
C SER B 19 -18.73 20.59 -13.87
N VAL B 20 -19.98 20.92 -14.16
CA VAL B 20 -20.83 20.21 -15.16
C VAL B 20 -20.36 20.68 -16.54
N VAL B 21 -20.08 19.76 -17.44
CA VAL B 21 -19.78 20.02 -18.88
C VAL B 21 -20.99 19.59 -19.71
N ARG B 22 -21.45 20.47 -20.62
CA ARG B 22 -22.67 20.27 -21.47
C ARG B 22 -22.41 20.81 -22.88
N ARG B 23 -22.84 20.08 -23.90
CA ARG B 23 -22.91 20.59 -25.28
C ARG B 23 -23.71 21.89 -25.23
N CYS B 24 -23.35 22.87 -26.06
CA CYS B 24 -24.14 24.11 -26.30
C CYS B 24 -23.90 24.62 -27.72
N VAL B 25 -24.67 25.63 -28.12
CA VAL B 25 -24.60 26.21 -29.50
C VAL B 25 -24.72 27.73 -29.36
N LYS B 26 -23.84 28.47 -30.03
CA LYS B 26 -24.03 29.91 -30.34
C LYS B 26 -25.18 29.96 -31.38
N VAL B 27 -26.29 30.60 -31.02
CA VAL B 27 -27.57 30.64 -31.81
C VAL B 27 -27.43 31.55 -33.05
N LEU B 28 -26.65 32.63 -32.99
CA LEU B 28 -26.23 33.39 -34.20
C LEU B 28 -25.52 32.42 -35.17
N ALA B 29 -24.36 31.86 -34.77
CA ALA B 29 -23.38 31.15 -35.62
C ALA B 29 -23.87 29.73 -35.97
N GLY B 30 -24.72 29.15 -35.12
CA GLY B 30 -25.18 27.75 -35.24
C GLY B 30 -24.11 26.76 -34.78
N GLN B 31 -22.91 27.25 -34.42
CA GLN B 31 -21.69 26.44 -34.13
C GLN B 31 -21.78 25.83 -32.70
N GLU B 32 -21.56 24.51 -32.61
CA GLU B 32 -21.59 23.70 -31.36
C GLU B 32 -20.29 23.89 -30.57
N TYR B 33 -20.39 24.12 -29.26
CA TYR B 33 -19.23 24.21 -28.34
C TYR B 33 -19.42 23.27 -27.13
N ALA B 34 -18.34 23.03 -26.38
CA ALA B 34 -18.37 22.30 -25.08
C ALA B 34 -18.25 23.33 -23.97
N ALA B 35 -19.33 23.55 -23.21
CA ALA B 35 -19.41 24.57 -22.13
C ALA B 35 -19.14 23.92 -20.77
N LYS B 36 -18.19 24.48 -20.02
CA LYS B 36 -17.84 24.05 -18.64
C LYS B 36 -18.60 24.93 -17.64
N ILE B 37 -19.78 24.48 -17.19
CA ILE B 37 -20.69 25.20 -16.26
C ILE B 37 -20.15 24.95 -14.85
N ILE B 38 -19.79 26.01 -14.11
CA ILE B 38 -19.28 25.99 -12.70
C ILE B 38 -20.31 26.64 -11.74
N ASN B 39 -20.80 25.90 -10.74
CA ASN B 39 -21.66 26.43 -9.65
C ASN B 39 -20.78 27.32 -8.74
N THR B 40 -21.28 28.49 -8.38
CA THR B 40 -20.47 29.69 -8.02
C THR B 40 -21.02 30.30 -6.72
N SER B 44 -16.20 30.02 -3.01
CA SER B 44 -15.34 30.92 -2.21
C SER B 44 -14.79 32.06 -3.09
N ALA B 45 -13.93 32.90 -2.51
CA ALA B 45 -13.34 34.12 -3.13
C ALA B 45 -12.12 33.73 -3.97
N ARG B 46 -11.13 33.04 -3.39
CA ARG B 46 -9.86 32.67 -4.09
C ARG B 46 -10.08 31.60 -5.16
N ASP B 47 -11.15 30.80 -5.04
CA ASP B 47 -11.52 29.71 -5.97
C ASP B 47 -12.32 30.29 -7.14
N HIS B 48 -12.88 31.51 -7.00
CA HIS B 48 -13.28 32.40 -8.13
C HIS B 48 -12.00 32.90 -8.84
N GLN B 49 -10.85 32.87 -8.13
CA GLN B 49 -9.53 33.39 -8.60
C GLN B 49 -8.70 32.27 -9.25
N LYS B 50 -8.61 31.09 -8.64
CA LYS B 50 -7.98 29.88 -9.24
C LYS B 50 -8.59 29.58 -10.63
N LEU B 51 -9.92 29.67 -10.74
CA LEU B 51 -10.75 29.55 -11.99
C LEU B 51 -10.33 30.63 -12.98
N GLU B 52 -10.10 31.87 -12.55
CA GLU B 52 -9.70 33.00 -13.44
C GLU B 52 -8.21 32.89 -13.83
N ARG B 53 -7.45 32.05 -13.14
CA ARG B 53 -6.07 31.68 -13.55
C ARG B 53 -6.16 30.67 -14.70
N GLU B 54 -7.08 29.71 -14.58
CA GLU B 54 -7.28 28.63 -15.57
C GLU B 54 -7.61 29.27 -16.92
N ALA B 55 -8.59 30.19 -16.95
CA ALA B 55 -9.06 30.88 -18.18
C ALA B 55 -7.88 31.58 -18.85
N ARG B 56 -7.16 32.40 -18.07
CA ARG B 56 -6.02 33.22 -18.55
C ARG B 56 -5.05 32.35 -19.34
N ILE B 57 -4.90 31.10 -18.90
CA ILE B 57 -3.94 30.10 -19.45
C ILE B 57 -4.49 29.51 -20.74
N CYS B 58 -5.72 28.98 -20.73
CA CYS B 58 -6.38 28.40 -21.94
C CYS B 58 -6.40 29.43 -23.08
N ARG B 59 -6.48 30.71 -22.76
CA ARG B 59 -6.44 31.83 -23.73
C ARG B 59 -5.05 31.93 -24.38
N LEU B 60 -3.97 31.68 -23.63
CA LEU B 60 -2.56 31.77 -24.13
C LEU B 60 -2.26 30.65 -25.15
N LEU B 61 -3.16 29.69 -25.36
CA LEU B 61 -2.85 28.38 -26.00
C LEU B 61 -3.71 28.12 -27.23
N LYS B 62 -3.22 28.54 -28.39
CA LYS B 62 -3.84 28.25 -29.71
C LYS B 62 -2.99 27.15 -30.35
N HIS B 63 -3.46 25.89 -30.29
CA HIS B 63 -2.78 24.69 -30.87
C HIS B 63 -3.80 23.68 -31.40
N PRO B 64 -3.46 22.92 -32.48
CA PRO B 64 -4.27 21.80 -32.95
C PRO B 64 -4.45 20.64 -31.96
N ASN B 65 -3.48 20.43 -31.08
CA ASN B 65 -3.49 19.39 -30.02
C ASN B 65 -3.61 20.05 -28.63
N ILE B 66 -4.40 21.11 -28.52
CA ILE B 66 -4.85 21.69 -27.22
C ILE B 66 -6.28 22.18 -27.45
N VAL B 67 -7.23 21.61 -26.70
CA VAL B 67 -8.64 22.06 -26.72
C VAL B 67 -8.59 23.57 -26.54
N ARG B 68 -8.96 24.33 -27.58
CA ARG B 68 -8.98 25.82 -27.56
C ARG B 68 -10.13 26.32 -26.67
N LEU B 69 -9.86 27.31 -25.83
CA LEU B 69 -10.90 28.10 -25.12
C LEU B 69 -11.36 29.19 -26.08
N HIS B 70 -12.67 29.40 -26.26
CA HIS B 70 -13.25 30.35 -27.24
C HIS B 70 -13.80 31.61 -26.55
N ASP B 71 -13.89 31.67 -25.21
CA ASP B 71 -14.54 32.79 -24.48
C ASP B 71 -14.85 32.34 -23.04
N SER B 72 -14.56 33.18 -22.03
CA SER B 72 -14.99 32.98 -20.61
C SER B 72 -16.00 34.06 -20.20
N ILE B 73 -16.98 33.71 -19.36
CA ILE B 73 -18.13 34.61 -19.02
C ILE B 73 -18.55 34.42 -17.55
N SER B 74 -18.47 35.49 -16.74
CA SER B 74 -19.02 35.55 -15.35
C SER B 74 -20.46 36.09 -15.38
N GLU B 75 -21.45 35.20 -15.39
CA GLU B 75 -22.85 35.52 -15.01
C GLU B 75 -22.94 35.38 -13.49
N GLU B 76 -23.93 36.00 -12.86
CA GLU B 76 -24.17 35.88 -11.40
C GLU B 76 -24.74 34.48 -11.13
N GLY B 77 -23.96 33.60 -10.51
CA GLY B 77 -24.43 32.29 -10.01
C GLY B 77 -23.81 31.12 -10.76
N HIS B 78 -23.15 31.39 -11.89
CA HIS B 78 -22.51 30.37 -12.75
C HIS B 78 -21.38 31.05 -13.55
N HIS B 79 -20.28 30.33 -13.84
CA HIS B 79 -19.24 30.69 -14.86
C HIS B 79 -19.23 29.65 -15.99
N TYR B 80 -19.00 30.14 -17.21
CA TYR B 80 -18.92 29.33 -18.46
C TYR B 80 -17.57 29.60 -19.15
N LEU B 81 -16.73 28.56 -19.22
CA LEU B 81 -15.58 28.41 -20.15
C LEU B 81 -16.02 27.55 -21.33
N ILE B 82 -15.75 28.06 -22.52
CA ILE B 82 -16.41 27.62 -23.77
C ILE B 82 -15.32 27.07 -24.68
N PHE B 83 -15.25 25.74 -24.80
CA PHE B 83 -14.16 25.00 -25.46
C PHE B 83 -14.61 24.50 -26.83
N ASP B 84 -13.65 24.08 -27.63
CA ASP B 84 -13.87 23.13 -28.76
C ASP B 84 -14.65 21.91 -28.21
N LEU B 85 -15.74 21.56 -28.90
CA LEU B 85 -16.40 20.26 -28.67
C LEU B 85 -15.46 19.17 -29.17
N VAL B 86 -15.38 18.05 -28.45
CA VAL B 86 -14.51 16.90 -28.82
C VAL B 86 -15.23 15.63 -28.34
N THR B 87 -15.65 14.78 -29.28
CA THR B 87 -16.61 13.68 -28.98
C THR B 87 -15.89 12.35 -28.76
N GLY B 88 -14.57 12.25 -29.01
CA GLY B 88 -13.82 10.97 -29.04
C GLY B 88 -13.60 10.32 -27.67
N GLY B 89 -14.03 10.95 -26.57
CA GLY B 89 -13.90 10.38 -25.21
C GLY B 89 -12.44 10.29 -24.79
N GLU B 90 -12.19 9.98 -23.51
CA GLU B 90 -10.82 10.01 -22.94
C GLU B 90 -9.97 9.00 -23.71
N LEU B 91 -8.71 9.33 -23.96
CA LEU B 91 -7.68 8.38 -24.44
C LEU B 91 -7.61 7.21 -23.48
N PHE B 92 -7.78 7.46 -22.18
CA PHE B 92 -7.81 6.41 -21.12
C PHE B 92 -8.74 5.28 -21.54
N GLU B 93 -10.02 5.60 -21.80
CA GLU B 93 -11.11 4.63 -22.15
C GLU B 93 -10.81 3.96 -23.50
N ASP B 94 -10.06 4.61 -24.38
CA ASP B 94 -9.68 4.06 -25.71
C ASP B 94 -8.57 3.02 -25.54
N ILE B 95 -7.60 3.25 -24.64
CA ILE B 95 -6.51 2.28 -24.34
C ILE B 95 -7.13 1.03 -23.70
N VAL B 96 -7.95 1.22 -22.67
CA VAL B 96 -8.79 0.15 -22.02
C VAL B 96 -9.51 -0.62 -23.14
N ALA B 97 -10.43 0.01 -23.86
CA ALA B 97 -11.19 -0.63 -24.97
C ALA B 97 -10.25 -1.51 -25.81
N ARG B 98 -9.09 -0.97 -26.21
CA ARG B 98 -8.17 -1.60 -27.20
C ARG B 98 -7.00 -2.29 -26.48
N GLU B 99 -7.00 -2.30 -25.14
CA GLU B 99 -5.99 -3.01 -24.31
C GLU B 99 -4.63 -2.30 -24.43
N TYR B 100 -4.04 -2.29 -25.62
CA TYR B 100 -2.78 -1.56 -25.93
C TYR B 100 -2.87 -1.00 -27.35
N TYR B 101 -2.01 -0.02 -27.67
CA TYR B 101 -1.78 0.55 -29.01
C TYR B 101 -0.61 -0.16 -29.69
N SER B 102 -0.62 -0.23 -31.01
CA SER B 102 0.57 -0.51 -31.84
C SER B 102 1.63 0.58 -31.60
N GLU B 103 2.89 0.30 -31.91
CA GLU B 103 3.99 1.30 -31.88
C GLU B 103 3.69 2.45 -32.84
N ALA B 104 3.21 2.13 -34.04
CA ALA B 104 2.77 3.08 -35.08
C ALA B 104 1.72 4.06 -34.50
N ASP B 105 0.72 3.54 -33.78
CA ASP B 105 -0.39 4.35 -33.20
C ASP B 105 0.13 5.13 -31.99
N ALA B 106 0.84 4.46 -31.07
CA ALA B 106 1.45 5.06 -29.87
C ALA B 106 2.32 6.25 -30.29
N SER B 107 3.16 6.05 -31.30
CA SER B 107 4.05 7.10 -31.87
C SER B 107 3.24 8.29 -32.39
N HIS B 108 2.17 8.05 -33.16
CA HIS B 108 1.31 9.12 -33.73
C HIS B 108 0.58 9.87 -32.61
N CYS B 109 0.14 9.15 -31.55
CA CYS B 109 -0.53 9.70 -30.34
C CYS B 109 0.48 10.53 -29.55
N ILE B 110 1.58 9.95 -29.04
CA ILE B 110 2.54 10.68 -28.17
C ILE B 110 3.11 11.89 -28.92
N GLN B 111 3.35 11.76 -30.22
CA GLN B 111 3.85 12.85 -31.11
C GLN B 111 2.97 14.10 -30.95
N GLN B 112 1.67 13.93 -31.17
CA GLN B 112 0.65 14.99 -30.96
C GLN B 112 0.79 15.49 -29.52
N ILE B 113 0.86 14.60 -28.53
CA ILE B 113 0.92 15.00 -27.11
C ILE B 113 2.17 15.88 -26.90
N LEU B 114 3.33 15.45 -27.38
CA LEU B 114 4.62 16.15 -27.16
C LEU B 114 4.58 17.53 -27.82
N GLU B 115 3.99 17.63 -29.02
CA GLU B 115 3.84 18.93 -29.76
C GLU B 115 3.09 19.95 -28.91
N ALA B 116 1.93 19.56 -28.37
CA ALA B 116 1.09 20.34 -27.43
C ALA B 116 1.93 20.76 -26.21
N VAL B 117 2.53 19.78 -25.54
CA VAL B 117 3.49 19.97 -24.41
C VAL B 117 4.54 21.01 -24.83
N LEU B 118 5.13 20.84 -26.02
CA LEU B 118 6.20 21.76 -26.50
C LEU B 118 5.66 23.18 -26.47
N HIS B 119 4.50 23.37 -27.13
CA HIS B 119 3.76 24.66 -27.23
C HIS B 119 3.49 25.18 -25.83
N CYS B 120 2.87 24.35 -24.96
CA CYS B 120 2.56 24.69 -23.54
C CYS B 120 3.79 25.31 -22.89
N HIS B 121 4.96 24.71 -23.11
CA HIS B 121 6.23 25.11 -22.49
C HIS B 121 6.74 26.43 -23.06
N GLN B 122 6.64 26.63 -24.37
CA GLN B 122 7.10 27.88 -25.04
C GLN B 122 6.22 29.07 -24.64
N MET B 123 5.00 28.79 -24.19
CA MET B 123 4.08 29.83 -23.67
C MET B 123 4.17 29.88 -22.14
N GLY B 124 5.26 29.37 -21.57
CA GLY B 124 5.54 29.39 -20.11
C GLY B 124 4.41 28.80 -19.29
N VAL B 125 3.78 27.73 -19.80
CA VAL B 125 2.71 26.95 -19.10
C VAL B 125 3.19 25.52 -18.88
N VAL B 126 3.10 25.03 -17.65
CA VAL B 126 3.41 23.61 -17.28
C VAL B 126 2.07 23.05 -16.80
N HIS B 127 1.64 21.94 -17.40
CA HIS B 127 0.30 21.34 -17.16
C HIS B 127 0.24 20.70 -15.77
N ARG B 128 1.19 19.82 -15.46
CA ARG B 128 1.45 19.26 -14.11
C ARG B 128 0.52 18.07 -13.82
N ASN B 129 -0.61 17.96 -14.53
CA ASN B 129 -1.57 16.84 -14.32
C ASN B 129 -1.87 16.15 -15.65
N LEU B 130 -0.85 15.84 -16.43
CA LEU B 130 -1.00 15.01 -17.64
C LEU B 130 -1.33 13.57 -17.23
N LYS B 131 -2.23 12.93 -17.98
CA LYS B 131 -2.68 11.53 -17.83
C LYS B 131 -3.71 11.25 -18.93
N PRO B 132 -3.93 9.98 -19.33
CA PRO B 132 -4.84 9.69 -20.44
C PRO B 132 -6.28 10.18 -20.23
N GLU B 133 -6.68 10.45 -18.98
CA GLU B 133 -8.03 10.99 -18.65
C GLU B 133 -8.11 12.46 -19.10
N ASN B 134 -7.00 13.20 -18.96
CA ASN B 134 -6.87 14.64 -19.32
C ASN B 134 -6.58 14.77 -20.82
N LEU B 135 -6.61 13.66 -21.56
CA LEU B 135 -6.38 13.62 -23.03
C LEU B 135 -7.66 13.18 -23.76
N LEU B 136 -8.28 14.11 -24.51
CA LEU B 136 -9.52 13.85 -25.28
C LEU B 136 -9.16 13.53 -26.74
N LEU B 137 -9.76 12.47 -27.30
CA LEU B 137 -9.68 12.13 -28.75
C LEU B 137 -10.78 12.88 -29.50
N ALA B 138 -10.50 13.34 -30.72
CA ALA B 138 -11.42 14.06 -31.62
C ALA B 138 -12.64 13.17 -31.97
N SER B 139 -12.43 12.00 -32.61
CA SER B 139 -13.42 10.91 -32.83
C SER B 139 -12.79 9.57 -32.44
N LYS B 140 -13.46 8.42 -32.60
CA LYS B 140 -12.95 7.12 -32.08
C LYS B 140 -12.08 6.40 -33.12
N LEU B 141 -11.84 7.00 -34.30
CA LEU B 141 -11.20 6.40 -35.50
C LEU B 141 -9.75 6.00 -35.22
N ALA B 144 -7.31 9.40 -35.37
CA ALA B 144 -7.78 10.81 -35.29
C ALA B 144 -7.06 11.58 -34.16
N ALA B 145 -7.32 12.89 -34.05
CA ALA B 145 -6.47 13.87 -33.31
C ALA B 145 -6.56 13.65 -31.79
N VAL B 146 -5.57 14.15 -31.03
CA VAL B 146 -5.54 14.12 -29.54
C VAL B 146 -5.22 15.50 -29.01
N LYS B 147 -5.98 15.99 -28.03
CA LYS B 147 -5.91 17.38 -27.50
C LYS B 147 -5.86 17.36 -25.96
N LEU B 148 -4.96 18.16 -25.38
CA LEU B 148 -4.85 18.37 -23.91
C LEU B 148 -6.13 19.01 -23.33
N ALA B 149 -6.53 18.63 -22.11
CA ALA B 149 -7.53 19.37 -21.29
C ALA B 149 -7.07 19.47 -19.83
N ASP B 150 -7.95 20.01 -18.97
CA ASP B 150 -7.79 20.31 -17.52
C ASP B 150 -6.47 21.03 -17.21
N PHE B 151 -6.35 22.32 -17.59
CA PHE B 151 -5.25 23.24 -17.16
C PHE B 151 -5.58 23.78 -15.75
N GLY B 152 -6.58 23.17 -15.10
CA GLY B 152 -7.04 23.44 -13.72
C GLY B 152 -5.93 23.29 -12.71
N LEU B 153 -4.81 22.68 -13.10
CA LEU B 153 -3.63 22.50 -12.23
C LEU B 153 -2.41 23.22 -12.83
N ALA B 154 -2.61 24.00 -13.90
CA ALA B 154 -1.53 24.52 -14.76
C ALA B 154 -0.91 25.78 -14.15
N ILE B 155 0.42 25.83 -14.10
CA ILE B 155 1.19 26.96 -13.52
C ILE B 155 1.85 27.78 -14.65
N GLU B 156 2.22 29.01 -14.36
CA GLU B 156 3.07 29.86 -15.23
C GLU B 156 4.51 29.80 -14.69
N VAL B 157 5.45 29.56 -15.60
CA VAL B 157 6.91 29.58 -15.32
C VAL B 157 7.54 30.76 -16.09
N GLU B 158 8.52 31.45 -15.47
CA GLU B 158 9.37 32.49 -16.10
C GLU B 158 10.68 31.81 -16.55
N GLY B 159 10.87 31.63 -17.85
CA GLY B 159 12.07 31.01 -18.43
C GLY B 159 12.22 29.58 -17.97
N GLU B 160 13.45 29.04 -17.98
CA GLU B 160 13.75 27.67 -17.47
C GLU B 160 13.86 27.74 -15.95
N GLN B 161 13.25 28.75 -15.32
CA GLN B 161 13.38 28.99 -13.85
C GLN B 161 12.55 27.95 -13.11
N GLN B 162 13.24 27.11 -12.31
CA GLN B 162 12.68 26.09 -11.38
C GLN B 162 12.23 26.79 -10.10
N ALA B 163 11.21 26.27 -9.44
CA ALA B 163 10.79 26.74 -8.09
C ALA B 163 9.82 25.71 -7.49
N TRP B 164 9.63 25.75 -6.18
CA TRP B 164 8.54 24.99 -5.51
C TRP B 164 7.21 25.68 -5.81
N PHE B 165 6.46 25.18 -6.79
CA PHE B 165 5.05 25.56 -7.07
C PHE B 165 4.08 24.66 -6.28
N GLY B 166 4.58 23.96 -5.25
CA GLY B 166 3.76 23.11 -4.37
C GLY B 166 3.60 21.71 -4.93
N PHE B 167 2.91 20.85 -4.16
CA PHE B 167 2.68 19.41 -4.43
C PHE B 167 1.24 19.21 -4.93
N ALA B 168 1.09 18.83 -6.19
CA ALA B 168 -0.22 18.65 -6.84
C ALA B 168 -0.10 17.75 -8.05
N GLY B 169 -1.23 17.20 -8.50
CA GLY B 169 -1.28 16.29 -9.64
C GLY B 169 -1.91 14.96 -9.26
N THR B 170 -1.73 13.94 -10.11
CA THR B 170 -2.27 12.56 -9.92
C THR B 170 -1.12 11.66 -9.51
N PRO B 171 -1.33 10.71 -8.56
CA PRO B 171 -0.23 9.97 -7.94
C PRO B 171 0.69 9.19 -8.89
N GLY B 172 0.13 8.43 -9.84
CA GLY B 172 0.88 7.59 -10.80
C GLY B 172 1.85 8.37 -11.71
N TYR B 173 1.56 9.66 -11.91
CA TYR B 173 2.14 10.55 -12.96
C TYR B 173 3.12 11.54 -12.31
N LEU B 174 3.14 11.60 -10.98
CA LEU B 174 3.98 12.54 -10.23
C LEU B 174 5.45 12.29 -10.59
N SER B 175 6.21 13.37 -10.67
CA SER B 175 7.66 13.31 -10.93
C SER B 175 8.37 13.05 -9.60
N PRO B 176 9.55 12.40 -9.65
CA PRO B 176 10.45 12.35 -8.50
C PRO B 176 10.62 13.72 -7.82
N GLU B 177 11.02 14.74 -8.57
CA GLU B 177 11.34 16.07 -8.01
C GLU B 177 10.13 16.57 -7.22
N VAL B 178 8.90 16.28 -7.66
CA VAL B 178 7.68 16.82 -6.96
C VAL B 178 7.53 16.08 -5.63
N LEU B 179 7.73 14.76 -5.62
CA LEU B 179 7.52 13.92 -4.40
C LEU B 179 8.52 14.36 -3.33
N ARG B 180 9.79 14.53 -3.73
CA ARG B 180 10.93 14.94 -2.86
C ARG B 180 10.65 16.32 -2.22
N LYS B 181 9.72 17.13 -2.75
CA LYS B 181 9.48 18.57 -2.39
C LYS B 181 10.72 19.42 -2.71
N ASP B 182 11.48 19.01 -3.74
CA ASP B 182 12.57 19.80 -4.41
C ASP B 182 11.90 20.83 -5.32
N PRO B 183 12.62 21.90 -5.71
CA PRO B 183 12.11 22.82 -6.72
C PRO B 183 11.94 22.12 -8.07
N TYR B 184 11.04 22.57 -8.95
CA TYR B 184 10.80 21.95 -10.28
C TYR B 184 10.20 22.92 -11.31
N GLY B 185 10.13 22.49 -12.58
CA GLY B 185 9.61 23.29 -13.70
C GLY B 185 9.07 22.42 -14.84
N LYS B 186 9.50 22.69 -16.08
CA LYS B 186 8.90 22.10 -17.31
C LYS B 186 9.05 20.58 -17.34
N PRO B 187 10.20 20.01 -16.90
CA PRO B 187 10.44 18.59 -17.12
C PRO B 187 9.44 17.67 -16.43
N VAL B 188 8.69 18.18 -15.47
CA VAL B 188 7.75 17.32 -14.70
C VAL B 188 6.71 16.73 -15.67
N ASP B 189 6.40 17.40 -16.78
CA ASP B 189 5.42 16.89 -17.77
C ASP B 189 6.05 15.84 -18.71
N LEU B 190 7.37 15.85 -18.91
CA LEU B 190 8.08 14.82 -19.70
C LEU B 190 8.04 13.52 -18.90
N TRP B 191 8.18 13.57 -17.58
CA TRP B 191 8.01 12.37 -16.74
C TRP B 191 6.62 11.77 -17.02
N ALA B 192 5.58 12.59 -16.96
CA ALA B 192 4.18 12.17 -17.20
C ALA B 192 4.03 11.58 -18.61
N CYS B 193 4.78 12.08 -19.58
CA CYS B 193 4.79 11.55 -20.98
C CYS B 193 5.37 10.13 -20.95
N GLY B 194 6.44 9.92 -20.19
CA GLY B 194 7.03 8.58 -19.96
C GLY B 194 5.97 7.59 -19.53
N VAL B 195 5.43 7.76 -18.32
CA VAL B 195 4.25 7.02 -17.80
C VAL B 195 3.30 6.77 -18.96
N ILE B 196 2.80 7.83 -19.60
CA ILE B 196 1.67 7.78 -20.56
C ILE B 196 2.07 6.91 -21.75
N LEU B 197 3.28 7.12 -22.28
CA LEU B 197 3.81 6.37 -23.45
C LEU B 197 3.82 4.88 -23.09
N TYR B 198 4.41 4.57 -21.94
CA TYR B 198 4.45 3.21 -21.34
C TYR B 198 3.03 2.65 -21.39
N ILE B 199 2.10 3.32 -20.71
CA ILE B 199 0.67 2.89 -20.70
C ILE B 199 0.27 2.65 -22.15
N LEU B 200 0.54 3.63 -23.02
CA LEU B 200 0.11 3.63 -24.44
C LEU B 200 0.49 2.28 -25.10
N LEU B 201 1.65 1.69 -24.74
CA LEU B 201 2.20 0.49 -25.44
C LEU B 201 1.60 -0.82 -24.94
N VAL B 202 1.44 -1.03 -23.62
CA VAL B 202 1.27 -2.38 -22.99
C VAL B 202 0.01 -2.49 -22.10
N GLY B 203 -0.73 -1.40 -21.85
CA GLY B 203 -2.05 -1.46 -21.21
C GLY B 203 -2.03 -1.29 -19.70
N TYR B 204 -0.89 -0.88 -19.11
CA TYR B 204 -0.69 -0.68 -17.63
C TYR B 204 0.49 0.27 -17.35
N PRO B 205 0.51 0.99 -16.20
CA PRO B 205 1.60 1.95 -15.92
C PRO B 205 2.91 1.33 -15.43
N PRO B 206 4.04 2.03 -15.61
CA PRO B 206 5.33 1.52 -15.16
C PRO B 206 5.46 1.54 -13.64
N PHE B 207 4.62 2.33 -12.94
CA PHE B 207 4.60 2.46 -11.45
C PHE B 207 3.17 2.30 -10.95
N TRP B 208 2.96 1.39 -9.99
CA TRP B 208 1.66 1.12 -9.33
C TRP B 208 1.89 0.38 -8.01
N ASP B 209 0.95 0.55 -7.07
CA ASP B 209 0.86 -0.11 -5.73
C ASP B 209 -0.38 0.42 -4.99
N GLU B 210 -1.22 -0.45 -4.45
CA GLU B 210 -2.51 -0.04 -3.81
C GLU B 210 -2.22 0.79 -2.56
N ASP B 211 -1.09 0.55 -1.89
CA ASP B 211 -0.57 1.49 -0.86
C ASP B 211 0.16 2.64 -1.57
N GLN B 212 -0.33 3.85 -1.36
CA GLN B 212 0.16 5.12 -1.96
C GLN B 212 1.61 5.39 -1.55
N HIS B 213 2.01 5.10 -0.30
CA HIS B 213 3.41 5.32 0.11
C HIS B 213 4.28 4.53 -0.86
N ARG B 214 4.01 3.23 -0.97
CA ARG B 214 4.85 2.29 -1.75
C ARG B 214 5.00 2.88 -3.16
N LEU B 215 3.91 3.43 -3.69
CA LEU B 215 3.84 4.01 -5.06
C LEU B 215 4.86 5.14 -5.18
N TYR B 216 4.84 6.08 -4.25
CA TYR B 216 5.72 7.28 -4.25
C TYR B 216 7.18 6.85 -4.13
N LYS B 217 7.45 5.74 -3.44
CA LYS B 217 8.83 5.18 -3.29
C LYS B 217 9.26 4.64 -4.65
N GLN B 218 8.36 3.91 -5.35
CA GLN B 218 8.58 3.34 -6.71
C GLN B 218 9.02 4.49 -7.60
N ILE B 219 8.25 5.57 -7.63
CA ILE B 219 8.55 6.77 -8.47
C ILE B 219 9.95 7.29 -8.14
N LYS B 220 10.19 7.74 -6.90
CA LYS B 220 11.49 8.34 -6.48
C LYS B 220 12.66 7.49 -6.99
N ALA B 221 12.62 6.17 -6.75
CA ALA B 221 13.67 5.20 -7.13
C ALA B 221 13.80 5.05 -8.65
N GLY B 222 12.75 5.40 -9.40
CA GLY B 222 12.62 5.06 -10.84
C GLY B 222 12.66 3.56 -11.06
N ALA B 223 11.89 2.82 -10.24
CA ALA B 223 11.76 1.35 -10.27
C ALA B 223 10.63 0.96 -11.21
N TYR B 224 10.91 0.98 -12.51
CA TYR B 224 10.04 0.43 -13.59
C TYR B 224 10.85 -0.69 -14.23
N ASP B 225 10.26 -1.41 -15.19
CA ASP B 225 11.01 -2.33 -16.11
C ASP B 225 10.08 -2.79 -17.24
N PHE B 226 10.60 -3.66 -18.12
CA PHE B 226 9.92 -4.18 -19.32
C PHE B 226 9.65 -5.67 -19.10
N PRO B 227 8.54 -6.04 -18.42
CA PRO B 227 8.13 -7.44 -18.28
C PRO B 227 7.87 -8.19 -19.60
N SER B 228 8.16 -9.51 -19.66
CA SER B 228 7.82 -10.43 -20.78
C SER B 228 6.47 -11.09 -20.49
N PRO B 229 5.70 -11.59 -21.49
CA PRO B 229 6.08 -11.56 -22.91
C PRO B 229 5.79 -10.27 -23.68
N GLU B 230 5.16 -9.27 -23.06
CA GLU B 230 4.66 -8.03 -23.70
C GLU B 230 5.82 -7.31 -24.37
N TRP B 231 6.82 -6.95 -23.56
CA TRP B 231 7.89 -5.98 -23.89
C TRP B 231 9.01 -6.70 -24.65
N ASP B 232 8.96 -8.04 -24.67
CA ASP B 232 9.84 -8.91 -25.50
C ASP B 232 9.89 -8.39 -26.95
N THR B 233 8.73 -8.05 -27.53
CA THR B 233 8.54 -7.81 -28.99
C THR B 233 8.72 -6.33 -29.34
N VAL B 234 8.71 -5.44 -28.35
CA VAL B 234 8.55 -3.97 -28.55
C VAL B 234 9.92 -3.35 -28.81
N THR B 235 10.01 -2.47 -29.82
CA THR B 235 11.31 -1.99 -30.39
C THR B 235 12.22 -1.55 -29.26
N PRO B 236 13.54 -1.79 -29.37
CA PRO B 236 14.52 -1.21 -28.46
C PRO B 236 14.50 0.33 -28.41
N GLU B 237 14.10 0.99 -29.53
CA GLU B 237 14.06 2.48 -29.62
C GLU B 237 12.92 2.98 -28.72
N ALA B 238 11.70 2.46 -28.90
CA ALA B 238 10.55 2.76 -28.01
C ALA B 238 11.04 2.73 -26.55
N LYS B 239 11.52 1.58 -26.09
CA LYS B 239 12.09 1.44 -24.71
C LYS B 239 13.04 2.61 -24.47
N ASP B 240 13.95 2.89 -25.39
CA ASP B 240 14.96 3.98 -25.22
C ASP B 240 14.24 5.25 -24.83
N LEU B 241 13.25 5.68 -25.62
CA LEU B 241 12.53 6.98 -25.46
C LEU B 241 11.97 7.07 -24.04
N ILE B 242 11.25 6.02 -23.63
CA ILE B 242 10.69 5.83 -22.25
C ILE B 242 11.80 6.01 -21.22
N ASN B 243 12.97 5.40 -21.42
CA ASN B 243 14.12 5.49 -20.47
C ASN B 243 14.57 6.95 -20.33
N LYS B 244 14.56 7.72 -21.41
CA LYS B 244 15.07 9.12 -21.41
C LYS B 244 13.99 10.04 -20.83
N MET B 245 12.70 9.69 -21.03
CA MET B 245 11.57 10.41 -20.40
C MET B 245 11.56 10.10 -18.91
N LEU B 246 11.74 8.83 -18.53
CA LEU B 246 11.64 8.40 -17.11
C LEU B 246 13.02 8.46 -16.45
N THR B 247 13.90 9.37 -16.90
CA THR B 247 15.17 9.67 -16.20
C THR B 247 14.80 10.34 -14.88
N ILE B 248 15.46 10.00 -13.77
CA ILE B 248 15.09 10.46 -12.39
C ILE B 248 15.51 11.92 -12.21
N ASN B 249 16.70 12.26 -12.69
CA ASN B 249 17.33 13.61 -12.56
C ASN B 249 16.72 14.55 -13.61
N PRO B 250 16.00 15.62 -13.23
CA PRO B 250 15.26 16.44 -14.19
C PRO B 250 16.13 17.14 -15.25
N SER B 251 17.29 17.66 -14.84
CA SER B 251 18.24 18.33 -15.76
C SER B 251 18.69 17.34 -16.85
N LYS B 252 18.92 16.06 -16.51
CA LYS B 252 19.45 15.01 -17.43
C LYS B 252 18.30 14.40 -18.25
N ARG B 253 17.06 14.79 -17.96
CA ARG B 253 15.86 14.23 -18.64
C ARG B 253 15.76 14.78 -20.06
N ILE B 254 15.05 14.09 -20.94
CA ILE B 254 14.74 14.57 -22.32
C ILE B 254 13.75 15.74 -22.21
N THR B 255 13.87 16.74 -23.09
CA THR B 255 12.89 17.86 -23.25
C THR B 255 11.91 17.51 -24.36
N ALA B 256 10.76 18.17 -24.42
CA ALA B 256 9.72 17.94 -25.46
C ALA B 256 10.36 18.01 -26.86
N ALA B 257 11.17 19.05 -27.11
CA ALA B 257 11.75 19.36 -28.43
C ALA B 257 12.73 18.25 -28.81
N GLU B 258 13.47 17.72 -27.82
CA GLU B 258 14.39 16.57 -27.99
C GLU B 258 13.58 15.30 -28.30
N ALA B 259 12.49 15.10 -27.57
CA ALA B 259 11.61 13.92 -27.72
C ALA B 259 11.02 13.91 -29.11
N LEU B 260 10.76 15.07 -29.72
CA LEU B 260 10.15 15.18 -31.08
C LEU B 260 11.14 14.80 -32.19
N LYS B 261 12.45 14.92 -31.95
CA LYS B 261 13.52 14.58 -32.93
C LYS B 261 13.95 13.11 -32.79
N HIS B 262 13.62 12.46 -31.68
CA HIS B 262 14.05 11.07 -31.39
C HIS B 262 13.54 10.11 -32.47
N PRO B 263 14.42 9.22 -32.99
CA PRO B 263 14.06 8.29 -34.07
C PRO B 263 12.69 7.60 -34.07
N TRP B 264 12.15 7.24 -32.89
CA TRP B 264 10.82 6.57 -32.76
C TRP B 264 9.70 7.54 -33.15
N ILE B 265 9.99 8.85 -33.32
CA ILE B 265 8.97 9.87 -33.71
C ILE B 265 9.17 10.33 -35.17
N SER B 266 10.41 10.44 -35.65
CA SER B 266 10.75 10.81 -37.05
C SER B 266 11.62 9.73 -37.72
N HIS B 267 11.02 8.87 -38.56
CA HIS B 267 11.67 7.69 -39.19
C HIS B 267 12.31 8.06 -40.54
N ARG C 1 -7.02 -0.44 -0.82
CA ARG C 1 -6.21 0.73 -1.28
C ARG C 1 -6.01 1.69 -0.10
N THR C 2 -4.76 2.06 0.17
CA THR C 2 -4.37 2.95 1.30
C THR C 2 -3.89 4.28 0.74
N LEU C 3 -4.26 5.38 1.41
CA LEU C 3 -3.75 6.76 1.16
C LEU C 3 -2.31 6.88 1.67
N ASP C 4 -1.76 8.09 1.67
CA ASP C 4 -0.42 8.43 2.23
C ASP C 4 -0.64 9.16 3.55
N SER C 5 -1.52 8.63 4.42
CA SER C 5 -1.82 9.16 5.77
C SER C 5 -1.80 8.03 6.80
N HIS C 6 -1.22 8.32 7.97
CA HIS C 6 -1.14 7.40 9.14
C HIS C 6 -2.44 6.60 9.22
N ALA C 7 -3.56 7.30 9.29
CA ALA C 7 -4.90 6.74 9.63
C ALA C 7 -5.35 5.78 8.51
N SER C 8 -4.95 6.03 7.27
CA SER C 8 -5.30 5.17 6.11
C SER C 8 -4.44 3.90 6.19
N ARG C 9 -3.16 4.06 6.52
CA ARG C 9 -2.24 2.92 6.70
C ARG C 9 -2.83 1.99 7.77
N MET C 10 -3.35 2.57 8.85
CA MET C 10 -3.77 1.82 10.07
C MET C 10 -4.90 0.84 9.75
N THR C 11 -5.42 0.83 8.53
CA THR C 11 -6.54 -0.06 8.10
C THR C 11 -5.97 -1.33 7.48
N GLN C 12 -4.70 -1.30 7.11
CA GLN C 12 -3.88 -2.49 6.75
C GLN C 12 -3.86 -3.49 7.92
N LEU C 13 -3.98 -3.03 9.17
CA LEU C 13 -3.95 -3.91 10.37
C LEU C 13 -5.22 -4.76 10.40
N LYS C 14 -5.09 -6.02 10.01
CA LYS C 14 -6.18 -7.02 9.85
C LYS C 14 -5.72 -8.29 10.57
N LYS C 15 -6.63 -9.03 11.20
CA LYS C 15 -6.32 -10.40 11.69
C LYS C 15 -6.09 -11.32 10.48
N GLN C 16 -5.21 -12.30 10.63
CA GLN C 16 -4.83 -13.25 9.55
C GLN C 16 -4.77 -14.69 10.11
N ALA C 17 -5.34 -15.65 9.39
CA ALA C 17 -5.31 -17.09 9.75
C ALA C 17 -3.90 -17.65 9.50
N ALA C 18 -3.67 -18.90 9.92
CA ALA C 18 -2.41 -19.63 9.69
C ALA C 18 -2.45 -20.30 8.32
N LEU C 19 -1.27 -20.77 7.87
CA LEU C 19 -0.95 -21.57 6.65
C LEU C 19 -0.29 -20.65 5.61
N SER D 5 1.38 -12.38 -15.58
CA SER D 5 0.87 -12.44 -16.97
C SER D 5 0.42 -11.05 -17.43
N HIS D 6 0.66 -10.73 -18.71
CA HIS D 6 0.27 -9.46 -19.39
C HIS D 6 -1.15 -9.08 -18.95
N ALA D 7 -2.10 -9.99 -19.15
CA ALA D 7 -3.56 -9.78 -18.95
C ALA D 7 -3.82 -9.38 -17.49
N SER D 8 -3.06 -9.96 -16.54
CA SER D 8 -3.18 -9.72 -15.08
C SER D 8 -2.68 -8.30 -14.73
N ARG D 9 -1.51 -7.92 -15.24
CA ARG D 9 -0.96 -6.55 -15.09
C ARG D 9 -1.95 -5.52 -15.65
N MET D 10 -2.61 -5.83 -16.79
CA MET D 10 -3.50 -4.90 -17.52
C MET D 10 -4.75 -4.53 -16.72
N THR D 11 -4.91 -5.03 -15.50
CA THR D 11 -6.01 -4.65 -14.58
C THR D 11 -5.55 -3.58 -13.59
N GLN D 12 -4.23 -3.33 -13.49
CA GLN D 12 -3.64 -2.16 -12.76
C GLN D 12 -4.06 -0.85 -13.43
N LEU D 13 -4.44 -0.88 -14.71
CA LEU D 13 -4.93 0.31 -15.43
C LEU D 13 -6.33 0.66 -14.91
N LYS D 14 -6.38 1.60 -13.97
CA LYS D 14 -7.60 2.20 -13.35
C LYS D 14 -7.53 3.74 -13.52
N LYS D 15 -8.68 4.42 -13.68
CA LYS D 15 -8.75 5.91 -13.65
C LYS D 15 -8.32 6.37 -12.27
N GLN D 16 -7.73 7.57 -12.15
CA GLN D 16 -7.31 8.15 -10.84
C GLN D 16 -7.61 9.65 -10.80
N ALA D 17 -8.26 10.14 -9.74
CA ALA D 17 -8.60 11.57 -9.55
C ALA D 17 -7.31 12.34 -9.26
N ALA D 18 -7.39 13.67 -9.17
CA ALA D 18 -6.31 14.53 -8.65
C ALA D 18 -6.39 14.53 -7.12
N LEU D 19 -5.28 14.77 -6.43
CA LEU D 19 -5.10 14.49 -4.98
C LEU D 19 -6.33 14.93 -4.16
#